data_5FZT
#
_entry.id   5FZT
#
_cell.length_a   73.260
_cell.length_b   73.260
_cell.length_c   111.820
_cell.angle_alpha   90.00
_cell.angle_beta   90.00
_cell.angle_gamma   120.00
#
_symmetry.space_group_name_H-M   'P 31 2 1'
#
loop_
_entity.id
_entity.type
_entity.pdbx_description
1 polymer TALIN-1
2 polymer 'RHO GTPASE-ACTIVATING PROTEIN 7'
3 non-polymer 'MALONATE ION'
4 water water
#
loop_
_entity_poly.entity_id
_entity_poly.type
_entity_poly.pdbx_seq_one_letter_code
_entity_poly.pdbx_strand_id
1 'polypeptide(L)'
;GIDPFTKHGQKECDNALRQLETVRELLENPVQPINDMSYFGCLDSVMENSKVLGEAMTGISQNAKNGNLPEFGDAIATAS
KALCGFTEAAAQAAYLVGVSDPNSQAGQQGLVEPTQFARANQAIQMACQSLGEPGCTQAQVLSAATIVAKHTSALCNSCR
LASARTANPTAKRQFVQSAKEVANSTANLVKTIKALDGDFTEENRAQCRAATAPLLEAVDNLSAFASNPEFSSVPAQISP
EGRAAMEPIVISAKTMLESAGGLIQTARALAVNPRDPPRWSVLAGHSRTVSDSIKKLITSMRDKAPGQL
;
A
2 'polypeptide(L)' PELDDILYHVKGMQRIVNQWSEK B
#
loop_
_chem_comp.id
_chem_comp.type
_chem_comp.name
_chem_comp.formula
MLI non-polymer 'MALONATE ION' 'C3 H2 O4 -2'
#
# COMPACT_ATOMS: atom_id res chain seq x y z
N PRO A 4 -29.71 18.06 1.23
CA PRO A 4 -29.06 18.74 2.36
C PRO A 4 -27.69 18.17 2.66
N PHE A 5 -27.49 17.74 3.90
CA PHE A 5 -26.29 17.00 4.27
C PHE A 5 -26.41 15.52 3.96
N THR A 6 -27.42 15.12 3.18
CA THR A 6 -27.49 13.72 2.72
C THR A 6 -26.46 13.44 1.64
N LYS A 7 -26.07 14.46 0.86
CA LYS A 7 -25.17 14.25 -0.27
C LYS A 7 -23.88 13.57 0.15
N HIS A 8 -23.29 13.99 1.28
CA HIS A 8 -22.05 13.37 1.73
C HIS A 8 -22.27 11.91 2.13
N GLY A 9 -23.44 11.61 2.72
CA GLY A 9 -23.74 10.24 3.08
C GLY A 9 -23.93 9.37 1.86
N GLN A 10 -24.62 9.90 0.84
CA GLN A 10 -24.80 9.17 -0.41
C GLN A 10 -23.46 8.82 -1.05
N LYS A 11 -22.54 9.79 -1.06
CA LYS A 11 -21.22 9.59 -1.67
C LYS A 11 -20.38 8.60 -0.87
N GLU A 12 -20.48 8.64 0.46
CA GLU A 12 -19.81 7.63 1.29
C GLU A 12 -20.28 6.23 0.93
N CYS A 13 -21.58 6.08 0.67
CA CYS A 13 -22.09 4.76 0.27
C CYS A 13 -21.55 4.37 -1.10
N ASP A 14 -21.45 5.33 -2.03
CA ASP A 14 -20.93 5.01 -3.36
C ASP A 14 -19.47 4.55 -3.27
N ASN A 15 -18.67 5.26 -2.47
CA ASN A 15 -17.26 4.90 -2.27
C ASN A 15 -17.11 3.53 -1.67
N ALA A 16 -17.88 3.23 -0.63
CA ALA A 16 -17.82 1.92 0.01
C ALA A 16 -18.17 0.81 -0.99
N LEU A 17 -19.24 1.00 -1.78
CA LEU A 17 -19.65 -0.01 -2.74
C LEU A 17 -18.58 -0.24 -3.80
N ARG A 18 -17.98 0.83 -4.32
CA ARG A 18 -16.87 0.69 -5.25
C ARG A 18 -15.70 -0.05 -4.61
N GLN A 19 -15.37 0.29 -3.36
CA GLN A 19 -14.26 -0.37 -2.70
C GLN A 19 -14.53 -1.86 -2.50
N LEU A 20 -15.77 -2.23 -2.13
CA LEU A 20 -16.07 -3.66 -1.96
C LEU A 20 -15.94 -4.41 -3.28
N GLU A 21 -16.38 -3.78 -4.38
CA GLU A 21 -16.22 -4.40 -5.68
C GLU A 21 -14.75 -4.64 -6.00
N THR A 22 -13.87 -3.72 -5.60
CA THR A 22 -12.43 -3.90 -5.81
C THR A 22 -11.85 -5.03 -4.95
N VAL A 23 -12.17 -5.09 -3.65
CA VAL A 23 -11.58 -6.19 -2.87
C VAL A 23 -12.14 -7.55 -3.25
N ARG A 24 -13.30 -7.60 -3.90
CA ARG A 24 -13.90 -8.89 -4.25
C ARG A 24 -13.10 -9.63 -5.32
N GLU A 25 -12.36 -8.89 -6.15
CA GLU A 25 -11.50 -9.56 -7.12
C GLU A 25 -10.42 -10.39 -6.41
N LEU A 26 -10.06 -10.03 -5.18
CA LEU A 26 -9.08 -10.84 -4.46
C LEU A 26 -9.60 -12.26 -4.21
N LEU A 27 -10.91 -12.49 -4.32
CA LEU A 27 -11.50 -13.78 -3.99
C LEU A 27 -11.80 -14.58 -5.24
N GLU A 28 -11.60 -13.96 -6.41
CA GLU A 28 -11.98 -14.55 -7.69
C GLU A 28 -11.22 -15.85 -7.94
N ASN A 29 -9.93 -15.87 -7.66
CA ASN A 29 -9.12 -17.04 -7.92
C ASN A 29 -7.79 -16.84 -7.23
N PRO A 30 -7.74 -16.90 -5.90
CA PRO A 30 -6.47 -16.59 -5.23
C PRO A 30 -5.34 -17.45 -5.78
N VAL A 31 -4.31 -16.83 -6.38
CA VAL A 31 -3.15 -17.58 -6.85
C VAL A 31 -1.86 -16.91 -6.41
N GLN A 32 -1.93 -15.94 -5.49
CA GLN A 32 -0.72 -15.30 -5.00
C GLN A 32 -0.97 -14.72 -3.61
N PRO A 33 0.05 -14.60 -2.78
CA PRO A 33 -0.15 -13.94 -1.47
C PRO A 33 -0.46 -12.46 -1.65
N ILE A 34 -1.34 -11.96 -0.77
CA ILE A 34 -1.68 -10.54 -0.72
C ILE A 34 -0.59 -9.75 -0.01
N ASN A 35 0.00 -10.33 1.03
CA ASN A 35 0.88 -9.59 1.92
C ASN A 35 1.82 -10.59 2.59
N ASP A 36 2.42 -10.20 3.70
CA ASP A 36 3.36 -11.07 4.39
C ASP A 36 2.79 -11.63 5.69
N MET A 37 1.47 -11.53 5.91
CA MET A 37 0.90 -11.99 7.16
C MET A 37 0.95 -13.51 7.26
N SER A 38 1.22 -14.02 8.47
CA SER A 38 1.13 -15.45 8.72
C SER A 38 -0.33 -15.90 8.74
N TYR A 39 -0.52 -17.22 8.77
CA TYR A 39 -1.88 -17.75 8.91
C TYR A 39 -2.53 -17.22 10.18
N PHE A 40 -1.76 -17.19 11.27
CA PHE A 40 -2.25 -16.71 12.56
C PHE A 40 -2.46 -15.21 12.59
N GLY A 41 -1.63 -14.45 11.88
CA GLY A 41 -1.92 -13.02 11.76
C GLY A 41 -3.23 -12.79 11.04
N CYS A 42 -3.46 -13.53 9.96
CA CYS A 42 -4.76 -13.50 9.28
C CYS A 42 -5.91 -13.78 10.23
N LEU A 43 -5.76 -14.82 11.06
CA LEU A 43 -6.79 -15.13 12.07
C LEU A 43 -7.08 -13.92 12.95
N ASP A 44 -6.04 -13.29 13.51
CA ASP A 44 -6.27 -12.14 14.38
C ASP A 44 -6.91 -10.99 13.62
N SER A 45 -6.48 -10.78 12.37
CA SER A 45 -7.00 -9.68 11.57
C SER A 45 -8.49 -9.83 11.31
N VAL A 46 -8.90 -11.02 10.85
CA VAL A 46 -10.32 -11.33 10.71
C VAL A 46 -11.07 -11.05 12.01
N MET A 47 -10.52 -11.49 13.15
CA MET A 47 -11.16 -11.22 14.43
C MET A 47 -11.34 -9.72 14.67
N GLU A 48 -10.24 -8.97 14.64
CA GLU A 48 -10.31 -7.54 14.96
C GLU A 48 -11.25 -6.81 14.01
N ASN A 49 -11.12 -7.06 12.71
CA ASN A 49 -11.94 -6.35 11.74
C ASN A 49 -13.42 -6.69 11.91
N SER A 50 -13.75 -7.92 12.30
CA SER A 50 -15.16 -8.25 12.52
C SER A 50 -15.73 -7.52 13.73
N LYS A 51 -14.94 -7.37 14.79
CA LYS A 51 -15.41 -6.54 15.91
C LYS A 51 -15.76 -5.14 15.43
N VAL A 52 -14.84 -4.51 14.68
CA VAL A 52 -15.06 -3.16 14.16
C VAL A 52 -16.27 -3.12 13.22
N LEU A 53 -16.45 -4.18 12.42
CA LEU A 53 -17.58 -4.21 11.51
C LEU A 53 -18.90 -4.32 12.25
N GLY A 54 -18.93 -5.13 13.32
CA GLY A 54 -20.16 -5.30 14.07
C GLY A 54 -20.67 -4.02 14.70
N GLU A 55 -19.74 -3.17 15.18
CA GLU A 55 -20.15 -1.88 15.71
C GLU A 55 -20.54 -0.91 14.61
N ALA A 56 -19.95 -1.05 13.43
CA ALA A 56 -20.34 -0.17 12.33
C ALA A 56 -21.74 -0.49 11.84
N MET A 57 -22.09 -1.77 11.78
CA MET A 57 -23.42 -2.16 11.32
C MET A 57 -24.50 -1.62 12.24
N THR A 58 -24.22 -1.56 13.54
CA THR A 58 -25.17 -0.92 14.45
C THR A 58 -25.19 0.59 14.23
N GLY A 59 -24.02 1.21 14.06
CA GLY A 59 -23.98 2.63 13.78
C GLY A 59 -24.63 2.99 12.44
N ILE A 60 -24.42 2.18 11.41
CA ILE A 60 -25.09 2.39 10.14
C ILE A 60 -26.60 2.38 10.32
N SER A 61 -27.11 1.41 11.10
CA SER A 61 -28.56 1.23 11.19
C SER A 61 -29.18 2.32 12.07
N GLN A 62 -28.56 2.61 13.21
CA GLN A 62 -29.17 3.54 14.15
C GLN A 62 -29.19 4.96 13.60
N ASN A 63 -28.10 5.38 12.96
CA ASN A 63 -28.03 6.75 12.48
C ASN A 63 -28.84 6.99 11.21
N ALA A 64 -29.11 5.97 10.40
CA ALA A 64 -30.06 6.17 9.31
C ALA A 64 -31.48 6.29 9.86
N LYS A 65 -31.81 5.51 10.88
CA LYS A 65 -33.14 5.58 11.47
C LYS A 65 -33.38 6.92 12.16
N ASN A 66 -32.37 7.44 12.86
CA ASN A 66 -32.47 8.66 13.64
C ASN A 66 -32.06 9.92 12.88
N GLY A 67 -31.64 9.80 11.62
CA GLY A 67 -31.38 10.96 10.79
C GLY A 67 -30.11 11.71 11.08
N ASN A 68 -29.13 11.05 11.72
CA ASN A 68 -27.84 11.67 12.04
C ASN A 68 -26.91 11.40 10.86
N LEU A 69 -26.94 12.29 9.89
CA LEU A 69 -26.26 12.03 8.61
C LEU A 69 -24.74 12.01 8.70
N PRO A 70 -24.09 12.86 9.50
CA PRO A 70 -22.64 12.72 9.68
C PRO A 70 -22.23 11.43 10.39
N GLU A 71 -23.00 11.02 11.40
CA GLU A 71 -22.65 9.77 12.07
C GLU A 71 -22.97 8.55 11.19
N PHE A 72 -23.98 8.64 10.33
CA PHE A 72 -24.23 7.56 9.38
C PHE A 72 -23.06 7.44 8.39
N GLY A 73 -22.66 8.56 7.78
CA GLY A 73 -21.53 8.52 6.86
C GLY A 73 -20.28 7.90 7.47
N ASP A 74 -19.98 8.26 8.72
CA ASP A 74 -18.77 7.75 9.35
C ASP A 74 -18.87 6.27 9.70
N ALA A 75 -20.07 5.79 10.02
CA ALA A 75 -20.26 4.36 10.19
C ALA A 75 -20.01 3.64 8.87
N ILE A 76 -20.52 4.17 7.76
CA ILE A 76 -20.32 3.55 6.45
C ILE A 76 -18.82 3.49 6.11
N ALA A 77 -18.10 4.59 6.33
CA ALA A 77 -16.66 4.62 6.05
C ALA A 77 -15.92 3.61 6.92
N THR A 78 -16.36 3.46 8.17
CA THR A 78 -15.74 2.51 9.07
C THR A 78 -16.00 1.08 8.63
N ALA A 79 -17.24 0.79 8.20
CA ALA A 79 -17.56 -0.57 7.76
C ALA A 79 -16.78 -0.94 6.51
N SER A 80 -16.63 0.00 5.57
CA SER A 80 -15.89 -0.27 4.34
C SER A 80 -14.44 -0.63 4.64
N LYS A 81 -13.79 0.14 5.52
CA LYS A 81 -12.41 -0.16 5.88
C LYS A 81 -12.31 -1.53 6.55
N ALA A 82 -13.27 -1.89 7.41
CA ALA A 82 -13.19 -3.18 8.09
C ALA A 82 -13.48 -4.33 7.15
N LEU A 83 -14.40 -4.14 6.21
CA LEU A 83 -14.71 -5.19 5.23
C LEU A 83 -13.51 -5.44 4.31
N CYS A 84 -12.84 -4.37 3.87
CA CYS A 84 -11.64 -4.54 3.05
C CYS A 84 -10.51 -5.20 3.84
N GLY A 85 -10.24 -4.73 5.06
CA GLY A 85 -9.24 -5.40 5.88
C GLY A 85 -9.54 -6.88 6.04
N PHE A 86 -10.79 -7.19 6.37
CA PHE A 86 -11.23 -8.57 6.50
C PHE A 86 -10.92 -9.39 5.24
N THR A 87 -11.31 -8.88 4.07
CA THR A 87 -11.20 -9.63 2.82
C THR A 87 -9.75 -9.92 2.44
N GLU A 88 -8.85 -8.96 2.71
CA GLU A 88 -7.44 -9.19 2.45
C GLU A 88 -6.87 -10.30 3.32
N ALA A 89 -7.24 -10.33 4.61
CA ALA A 89 -6.76 -11.39 5.48
C ALA A 89 -7.37 -12.74 5.08
N ALA A 90 -8.62 -12.74 4.63
CA ALA A 90 -9.22 -14.01 4.16
C ALA A 90 -8.59 -14.49 2.86
N ALA A 91 -8.37 -13.60 1.89
CA ALA A 91 -7.70 -13.99 0.66
C ALA A 91 -6.26 -14.44 0.93
N GLN A 92 -5.59 -13.82 1.89
CA GLN A 92 -4.23 -14.23 2.22
C GLN A 92 -4.26 -15.62 2.85
N ALA A 93 -5.18 -15.84 3.80
CA ALA A 93 -5.30 -17.15 4.42
C ALA A 93 -5.65 -18.22 3.39
N ALA A 94 -6.59 -17.90 2.49
CA ALA A 94 -6.99 -18.86 1.46
C ALA A 94 -5.78 -19.29 0.64
N TYR A 95 -4.96 -18.32 0.21
CA TYR A 95 -3.75 -18.64 -0.52
C TYR A 95 -2.89 -19.61 0.27
N LEU A 96 -2.63 -19.28 1.53
CA LEU A 96 -1.76 -20.09 2.36
C LEU A 96 -2.29 -21.51 2.49
N VAL A 97 -3.62 -21.67 2.58
CA VAL A 97 -4.22 -23.01 2.65
C VAL A 97 -3.99 -23.76 1.34
N GLY A 98 -4.24 -23.11 0.21
CA GLY A 98 -4.16 -23.78 -1.08
C GLY A 98 -2.75 -24.22 -1.46
N VAL A 99 -1.75 -23.38 -1.20
CA VAL A 99 -0.40 -23.77 -1.63
C VAL A 99 0.28 -24.71 -0.65
N SER A 100 -0.31 -24.98 0.50
CA SER A 100 0.34 -25.92 1.38
C SER A 100 0.08 -27.36 0.98
N ASP A 101 -0.86 -27.59 0.07
CA ASP A 101 -1.05 -28.93 -0.48
C ASP A 101 0.21 -29.35 -1.23
N PRO A 102 0.73 -30.58 -1.01
CA PRO A 102 2.00 -30.97 -1.65
C PRO A 102 1.93 -31.03 -3.17
N ASN A 103 0.74 -31.08 -3.76
CA ASN A 103 0.64 -31.05 -5.20
C ASN A 103 0.57 -29.64 -5.78
N SER A 104 0.47 -28.61 -4.93
CA SER A 104 0.46 -27.23 -5.38
C SER A 104 1.88 -26.72 -5.62
N GLN A 105 2.01 -25.64 -6.39
CA GLN A 105 3.29 -24.94 -6.54
C GLN A 105 3.12 -23.48 -6.16
N ALA A 106 4.15 -22.93 -5.50
CA ALA A 106 4.10 -21.58 -4.96
C ALA A 106 3.98 -20.54 -6.08
N GLY A 107 3.33 -19.43 -5.75
CA GLY A 107 3.37 -18.23 -6.56
C GLY A 107 4.09 -17.10 -5.84
N GLN A 108 4.04 -15.92 -6.45
CA GLN A 108 4.63 -14.78 -5.76
C GLN A 108 4.00 -13.49 -6.25
N GLN A 109 3.89 -12.55 -5.33
CA GLN A 109 3.53 -11.18 -5.67
C GLN A 109 4.66 -10.55 -6.44
N GLY A 110 4.36 -9.93 -7.57
CA GLY A 110 5.33 -9.06 -8.18
C GLY A 110 5.45 -7.78 -7.36
N LEU A 111 6.66 -7.20 -7.36
CA LEU A 111 6.76 -5.89 -6.76
C LEU A 111 6.25 -4.88 -7.77
N VAL A 112 5.47 -3.94 -7.30
CA VAL A 112 4.96 -2.92 -8.20
C VAL A 112 5.92 -1.73 -8.16
N GLU A 113 6.24 -1.20 -9.34
CA GLU A 113 7.20 -0.10 -9.40
C GLU A 113 6.47 1.23 -9.20
N PRO A 114 6.81 2.00 -8.17
CA PRO A 114 6.22 3.35 -8.03
C PRO A 114 6.39 4.19 -9.28
N THR A 115 5.29 4.79 -9.74
CA THR A 115 5.38 5.77 -10.82
C THR A 115 6.22 6.98 -10.41
N GLN A 116 6.34 7.22 -9.11
CA GLN A 116 7.24 8.26 -8.61
C GLN A 116 8.68 7.97 -9.01
N PHE A 117 9.08 6.68 -9.05
CA PHE A 117 10.45 6.34 -9.45
C PHE A 117 10.80 6.99 -10.77
N ALA A 118 9.92 6.87 -11.77
CA ALA A 118 10.31 7.34 -13.08
C ALA A 118 10.47 8.85 -13.06
N ARG A 119 9.60 9.52 -12.30
CA ARG A 119 9.59 10.98 -12.28
C ARG A 119 10.88 11.49 -11.64
N ALA A 120 11.18 10.99 -10.44
CA ALA A 120 12.42 11.33 -9.74
C ALA A 120 13.63 11.03 -10.58
N ASN A 121 13.65 9.86 -11.23
CA ASN A 121 14.77 9.45 -12.06
C ASN A 121 15.05 10.48 -13.16
N GLN A 122 14.03 10.82 -13.94
CA GLN A 122 14.27 11.77 -15.02
C GLN A 122 14.68 13.12 -14.48
N ALA A 123 14.05 13.55 -13.39
CA ALA A 123 14.35 14.85 -12.79
C ALA A 123 15.79 14.91 -12.32
N ILE A 124 16.23 13.89 -11.58
CA ILE A 124 17.59 13.89 -11.06
C ILE A 124 18.61 13.89 -12.20
N GLN A 125 18.37 13.09 -13.26
CA GLN A 125 19.31 13.06 -14.38
C GLN A 125 19.45 14.43 -15.03
N MET A 126 18.33 15.10 -15.31
CA MET A 126 18.43 16.42 -15.95
C MET A 126 19.10 17.43 -15.04
N ALA A 127 18.79 17.39 -13.74
CA ALA A 127 19.45 18.26 -12.79
C ALA A 127 20.95 17.98 -12.73
N CYS A 128 21.35 16.71 -12.71
CA CYS A 128 22.77 16.40 -12.71
C CYS A 128 23.43 16.79 -14.02
N GLN A 129 22.75 16.56 -15.14
CA GLN A 129 23.35 16.98 -16.40
C GLN A 129 23.57 18.49 -16.42
N SER A 130 22.64 19.23 -15.81
CA SER A 130 22.80 20.67 -15.71
C SER A 130 24.02 21.03 -14.87
N LEU A 131 24.15 20.43 -13.69
CA LEU A 131 25.30 20.67 -12.81
C LEU A 131 26.63 20.38 -13.50
N GLY A 132 26.64 19.49 -14.50
CA GLY A 132 27.84 19.22 -15.28
C GLY A 132 28.18 20.18 -16.44
N GLU A 133 27.32 21.12 -16.78
CA GLU A 133 27.63 22.02 -17.89
C GLU A 133 28.79 22.94 -17.53
N PRO A 134 29.85 23.00 -18.35
CA PRO A 134 31.06 23.72 -17.94
C PRO A 134 30.83 25.20 -17.65
N GLY A 135 29.69 25.77 -18.03
CA GLY A 135 29.43 27.17 -17.76
C GLY A 135 28.23 27.46 -16.86
N CYS A 136 27.82 26.53 -15.98
CA CYS A 136 26.64 26.79 -15.17
C CYS A 136 26.89 27.86 -14.11
N THR A 137 25.84 28.63 -13.79
CA THR A 137 25.93 29.76 -12.86
C THR A 137 25.44 29.38 -11.46
N GLN A 138 25.59 30.34 -10.53
CA GLN A 138 25.17 30.15 -9.14
C GLN A 138 23.65 29.98 -9.02
N ALA A 139 22.88 30.67 -9.87
CA ALA A 139 21.43 30.45 -9.89
C ALA A 139 21.09 29.07 -10.41
N GLN A 140 21.77 28.64 -11.48
CA GLN A 140 21.53 27.32 -12.05
C GLN A 140 21.90 26.22 -11.07
N VAL A 141 23.00 26.43 -10.35
CA VAL A 141 23.46 25.46 -9.36
C VAL A 141 22.45 25.36 -8.20
N LEU A 142 21.84 26.49 -7.82
CA LEU A 142 20.83 26.46 -6.77
C LEU A 142 19.58 25.70 -7.22
N SER A 143 19.13 25.91 -8.46
CA SER A 143 17.93 25.24 -8.93
C SER A 143 18.16 23.74 -9.05
N ALA A 144 19.32 23.33 -9.57
CA ALA A 144 19.62 21.90 -9.64
C ALA A 144 19.65 21.27 -8.26
N ALA A 145 20.25 21.95 -7.27
CA ALA A 145 20.27 21.42 -5.91
C ALA A 145 18.85 21.28 -5.34
N THR A 146 17.99 22.26 -5.61
CA THR A 146 16.60 22.21 -5.16
C THR A 146 15.88 21.00 -5.75
N ILE A 147 16.06 20.76 -7.05
CA ILE A 147 15.40 19.63 -7.70
C ILE A 147 15.95 18.31 -7.20
N VAL A 148 17.26 18.19 -7.04
CA VAL A 148 17.86 16.94 -6.57
C VAL A 148 17.34 16.61 -5.16
N ALA A 149 17.33 17.62 -4.29
CA ALA A 149 16.90 17.40 -2.92
C ALA A 149 15.45 16.96 -2.87
N LYS A 150 14.59 17.62 -3.64
CA LYS A 150 13.17 17.30 -3.57
C LYS A 150 12.92 15.88 -4.08
N HIS A 151 13.53 15.49 -5.20
CA HIS A 151 13.22 14.17 -5.76
C HIS A 151 13.96 13.02 -5.08
N THR A 152 15.14 13.25 -4.51
CA THR A 152 15.79 12.20 -3.73
C THR A 152 15.10 11.98 -2.40
N SER A 153 14.56 13.04 -1.77
CA SER A 153 13.76 12.83 -0.56
C SER A 153 12.53 11.99 -0.87
N ALA A 154 11.86 12.28 -1.99
CA ALA A 154 10.68 11.53 -2.38
C ALA A 154 11.03 10.08 -2.76
N LEU A 155 12.16 9.91 -3.45
CA LEU A 155 12.65 8.57 -3.78
C LEU A 155 12.89 7.72 -2.52
N CYS A 156 13.54 8.30 -1.50
CA CYS A 156 13.80 7.53 -0.28
C CYS A 156 12.49 7.12 0.40
N ASN A 157 11.52 8.02 0.43
CA ASN A 157 10.24 7.64 1.05
C ASN A 157 9.50 6.58 0.23
N SER A 158 9.58 6.63 -1.11
CA SER A 158 8.98 5.58 -1.94
C SER A 158 9.64 4.23 -1.69
N CYS A 159 10.95 4.24 -1.46
CA CYS A 159 11.66 3.00 -1.14
C CYS A 159 11.20 2.48 0.21
N ARG A 160 11.02 3.36 1.19
CA ARG A 160 10.61 2.93 2.52
C ARG A 160 9.26 2.24 2.46
N LEU A 161 8.31 2.85 1.74
CA LEU A 161 6.98 2.29 1.58
C LEU A 161 7.00 1.04 0.73
N ALA A 162 7.80 1.02 -0.34
CA ALA A 162 7.86 -0.19 -1.15
C ALA A 162 8.48 -1.35 -0.38
N SER A 163 9.49 -1.07 0.45
CA SER A 163 10.09 -2.09 1.30
C SER A 163 9.05 -2.71 2.21
N ALA A 164 8.25 -1.87 2.86
CA ALA A 164 7.28 -2.33 3.85
C ALA A 164 6.19 -3.19 3.23
N ARG A 165 5.83 -2.97 1.97
CA ARG A 165 4.78 -3.78 1.36
C ARG A 165 5.32 -4.91 0.50
N THR A 166 6.63 -5.16 0.53
CA THR A 166 7.22 -6.28 -0.19
C THR A 166 7.41 -7.43 0.80
N ALA A 167 6.82 -8.59 0.48
CA ALA A 167 7.09 -9.76 1.31
C ALA A 167 8.48 -10.36 1.06
N ASN A 168 9.01 -10.25 -0.16
CA ASN A 168 10.26 -10.94 -0.46
C ASN A 168 11.39 -10.25 0.30
N PRO A 169 12.17 -11.00 1.10
CA PRO A 169 13.16 -10.33 1.97
C PRO A 169 14.37 -9.77 1.22
N THR A 170 14.68 -10.32 0.05
CA THR A 170 15.79 -9.77 -0.71
C THR A 170 15.39 -8.44 -1.32
N ALA A 171 14.16 -8.35 -1.82
CA ALA A 171 13.65 -7.09 -2.36
C ALA A 171 13.43 -6.07 -1.26
N LYS A 172 12.88 -6.51 -0.12
CA LYS A 172 12.73 -5.61 1.02
C LYS A 172 14.07 -4.97 1.40
N ARG A 173 15.14 -5.76 1.43
CA ARG A 173 16.45 -5.23 1.80
C ARG A 173 17.01 -4.28 0.73
N GLN A 174 16.83 -4.63 -0.54
CA GLN A 174 17.42 -3.81 -1.60
C GLN A 174 16.79 -2.41 -1.65
N PHE A 175 15.47 -2.32 -1.49
CA PHE A 175 14.80 -1.02 -1.47
C PHE A 175 15.43 -0.09 -0.43
N VAL A 176 15.70 -0.62 0.76
CA VAL A 176 16.29 0.22 1.81
C VAL A 176 17.77 0.50 1.52
N GLN A 177 18.52 -0.48 1.00
CA GLN A 177 19.92 -0.20 0.66
C GLN A 177 20.00 0.86 -0.43
N SER A 178 19.13 0.77 -1.43
CA SER A 178 19.07 1.79 -2.45
C SER A 178 18.76 3.16 -1.84
N ALA A 179 17.83 3.22 -0.88
CA ALA A 179 17.49 4.48 -0.21
C ALA A 179 18.72 5.08 0.46
N LYS A 180 19.51 4.26 1.17
CA LYS A 180 20.74 4.75 1.79
C LYS A 180 21.77 5.22 0.74
N GLU A 181 21.89 4.48 -0.38
CA GLU A 181 22.80 4.91 -1.45
C GLU A 181 22.41 6.28 -2.00
N VAL A 182 21.12 6.46 -2.25
CA VAL A 182 20.61 7.75 -2.72
C VAL A 182 20.89 8.85 -1.70
N ALA A 183 20.55 8.59 -0.43
CA ALA A 183 20.69 9.62 0.61
C ALA A 183 22.16 9.99 0.82
N ASN A 184 23.04 8.97 0.87
CA ASN A 184 24.45 9.25 1.09
C ASN A 184 25.05 10.02 -0.08
N SER A 185 24.77 9.61 -1.31
CA SER A 185 25.36 10.29 -2.45
C SER A 185 24.76 11.68 -2.66
N THR A 186 23.49 11.88 -2.28
CA THR A 186 22.90 13.21 -2.34
C THR A 186 23.55 14.14 -1.34
N ALA A 187 23.73 13.67 -0.10
CA ALA A 187 24.40 14.49 0.90
C ALA A 187 25.78 14.92 0.41
N ASN A 188 26.54 13.97 -0.15
CA ASN A 188 27.87 14.29 -0.65
C ASN A 188 27.80 15.27 -1.81
N LEU A 189 26.83 15.10 -2.71
CA LEU A 189 26.74 16.01 -3.85
C LEU A 189 26.46 17.42 -3.39
N VAL A 190 25.50 17.60 -2.48
CA VAL A 190 25.15 18.96 -2.07
C VAL A 190 26.32 19.62 -1.35
N LYS A 191 27.19 18.84 -0.69
CA LYS A 191 28.40 19.39 -0.08
C LYS A 191 29.35 19.94 -1.13
N THR A 192 29.48 19.27 -2.28
CA THR A 192 30.34 19.82 -3.32
C THR A 192 29.68 21.05 -3.97
N ILE A 193 28.34 21.07 -4.05
CA ILE A 193 27.65 22.26 -4.53
C ILE A 193 27.89 23.42 -3.59
N LYS A 194 27.88 23.16 -2.28
CA LYS A 194 28.15 24.20 -1.30
C LYS A 194 29.53 24.81 -1.51
N ALA A 195 30.53 23.99 -1.84
CA ALA A 195 31.87 24.51 -2.10
C ALA A 195 31.93 25.23 -3.43
N LEU A 196 31.39 24.62 -4.50
CA LEU A 196 31.38 25.26 -5.81
C LEU A 196 30.72 26.63 -5.73
N ASP A 197 29.68 26.77 -4.91
CA ASP A 197 28.98 28.04 -4.75
C ASP A 197 29.92 29.16 -4.34
N GLY A 198 30.14 30.11 -5.24
CA GLY A 198 31.03 31.24 -4.98
C GLY A 198 32.50 30.99 -5.21
N ASP A 199 32.87 29.85 -5.80
CA ASP A 199 34.26 29.51 -6.06
C ASP A 199 34.30 28.64 -7.33
N PHE A 200 33.72 29.18 -8.41
CA PHE A 200 33.46 28.39 -9.63
C PHE A 200 34.72 28.17 -10.48
N THR A 201 35.73 27.53 -9.86
CA THR A 201 36.89 27.14 -10.63
C THR A 201 36.60 25.88 -11.44
N GLU A 202 37.45 25.63 -12.43
CA GLU A 202 37.35 24.35 -13.14
C GLU A 202 37.53 23.19 -12.18
N GLU A 203 38.28 23.39 -11.09
CA GLU A 203 38.52 22.33 -10.13
C GLU A 203 37.28 22.02 -9.29
N ASN A 204 36.55 23.06 -8.88
CA ASN A 204 35.31 22.80 -8.14
C ASN A 204 34.22 22.30 -9.06
N ARG A 205 34.16 22.77 -10.32
CA ARG A 205 33.25 22.20 -11.30
C ARG A 205 33.51 20.72 -11.49
N ALA A 206 34.78 20.33 -11.63
CA ALA A 206 35.10 18.92 -11.84
C ALA A 206 34.67 18.07 -10.65
N GLN A 207 34.87 18.58 -9.43
CA GLN A 207 34.50 17.84 -8.23
C GLN A 207 32.99 17.72 -8.10
N CYS A 208 32.28 18.84 -8.28
CA CYS A 208 30.83 18.79 -8.27
C CYS A 208 30.34 17.86 -9.36
N ARG A 209 30.98 17.91 -10.53
CA ARG A 209 30.64 16.98 -11.61
C ARG A 209 30.89 15.54 -11.20
N ALA A 210 32.03 15.26 -10.56
CA ALA A 210 32.36 13.90 -10.13
C ALA A 210 31.34 13.38 -9.11
N ALA A 211 30.85 14.24 -8.22
CA ALA A 211 29.90 13.86 -7.19
C ALA A 211 28.54 13.45 -7.74
N THR A 212 28.19 13.82 -8.98
CA THR A 212 26.91 13.36 -9.54
C THR A 212 26.96 11.88 -9.91
N ALA A 213 28.14 11.36 -10.26
CA ALA A 213 28.22 9.97 -10.72
C ALA A 213 27.71 8.96 -9.69
N PRO A 214 28.09 9.02 -8.40
CA PRO A 214 27.50 8.07 -7.45
C PRO A 214 26.00 8.17 -7.32
N LEU A 215 25.44 9.40 -7.40
CA LEU A 215 23.98 9.51 -7.29
C LEU A 215 23.28 8.92 -8.50
N LEU A 216 23.81 9.16 -9.69
CA LEU A 216 23.21 8.58 -10.88
C LEU A 216 23.32 7.06 -10.89
N GLU A 217 24.45 6.53 -10.41
CA GLU A 217 24.57 5.08 -10.29
C GLU A 217 23.53 4.50 -9.32
N ALA A 218 23.33 5.15 -8.15
CA ALA A 218 22.32 4.68 -7.20
C ALA A 218 20.94 4.65 -7.83
N VAL A 219 20.59 5.72 -8.52
CA VAL A 219 19.28 5.81 -9.16
C VAL A 219 19.12 4.75 -10.24
N ASP A 220 20.14 4.57 -11.08
CA ASP A 220 20.06 3.55 -12.12
C ASP A 220 19.97 2.15 -11.52
N ASN A 221 20.80 1.86 -10.53
CA ASN A 221 20.75 0.56 -9.87
CA ASN A 221 20.75 0.56 -9.88
C ASN A 221 19.37 0.28 -9.31
N LEU A 222 18.74 1.27 -8.68
CA LEU A 222 17.41 1.08 -8.12
C LEU A 222 16.39 0.78 -9.22
N SER A 223 16.40 1.57 -10.31
CA SER A 223 15.39 1.37 -11.33
C SER A 223 15.59 0.04 -12.07
N ALA A 224 16.83 -0.44 -12.14
CA ALA A 224 17.11 -1.74 -12.74
C ALA A 224 16.58 -2.88 -11.87
N PHE A 225 16.95 -2.88 -10.58
CA PHE A 225 16.46 -3.91 -9.66
C PHE A 225 14.93 -4.01 -9.68
N ALA A 226 14.23 -2.87 -9.73
CA ALA A 226 12.78 -2.89 -9.77
C ALA A 226 12.24 -3.70 -10.95
N SER A 227 13.04 -3.92 -11.99
CA SER A 227 12.63 -4.67 -13.17
C SER A 227 13.19 -6.09 -13.22
N ASN A 228 13.96 -6.51 -12.21
CA ASN A 228 14.52 -7.86 -12.20
C ASN A 228 13.42 -8.91 -12.39
N PRO A 229 13.60 -9.87 -13.27
CA PRO A 229 12.54 -10.87 -13.49
C PRO A 229 12.28 -11.72 -12.26
N GLU A 230 13.28 -11.98 -11.41
CA GLU A 230 13.01 -12.86 -10.28
C GLU A 230 12.03 -12.26 -9.28
N PHE A 231 11.68 -10.99 -9.39
CA PHE A 231 10.66 -10.41 -8.50
C PHE A 231 9.33 -10.17 -9.21
N SER A 232 9.12 -10.72 -10.40
CA SER A 232 7.84 -10.48 -11.07
C SER A 232 6.76 -11.43 -10.56
N SER A 233 5.50 -11.01 -10.73
CA SER A 233 4.38 -11.81 -10.27
C SER A 233 4.31 -13.12 -11.03
N VAL A 234 4.11 -14.21 -10.30
CA VAL A 234 3.93 -15.54 -10.87
C VAL A 234 2.72 -16.16 -10.19
N PRO A 235 1.72 -16.64 -10.94
CA PRO A 235 0.56 -17.25 -10.30
C PRO A 235 0.92 -18.64 -9.79
N ALA A 236 0.47 -18.94 -8.58
CA ALA A 236 0.64 -20.30 -8.04
C ALA A 236 -0.12 -21.31 -8.90
N GLN A 237 0.29 -22.58 -8.81
CA GLN A 237 -0.47 -23.70 -9.37
C GLN A 237 -1.14 -24.42 -8.20
N ILE A 238 -2.38 -24.07 -7.92
CA ILE A 238 -3.10 -24.70 -6.81
C ILE A 238 -3.66 -26.04 -7.28
N SER A 239 -3.37 -27.10 -6.54
CA SER A 239 -3.91 -28.40 -6.90
C SER A 239 -5.43 -28.42 -6.69
N PRO A 240 -6.12 -29.34 -7.37
CA PRO A 240 -7.54 -29.58 -7.03
C PRO A 240 -7.80 -29.79 -5.54
N GLU A 241 -6.92 -30.51 -4.83
CA GLU A 241 -7.10 -30.68 -3.40
C GLU A 241 -6.79 -29.40 -2.66
N GLY A 242 -5.88 -28.58 -3.19
CA GLY A 242 -5.70 -27.25 -2.64
C GLY A 242 -6.94 -26.40 -2.75
N ARG A 243 -7.56 -26.38 -3.93
CA ARG A 243 -8.78 -25.57 -4.14
C ARG A 243 -9.89 -26.00 -3.20
N ALA A 244 -10.14 -27.32 -3.13
CA ALA A 244 -11.18 -27.84 -2.25
C ALA A 244 -10.96 -27.37 -0.81
N ALA A 245 -9.69 -27.36 -0.35
CA ALA A 245 -9.40 -26.94 1.01
C ALA A 245 -9.63 -25.45 1.25
N MET A 246 -9.50 -24.59 0.23
CA MET A 246 -9.73 -23.17 0.47
C MET A 246 -11.19 -22.77 0.31
N GLU A 247 -12.05 -23.68 -0.16
CA GLU A 247 -13.47 -23.38 -0.38
C GLU A 247 -14.18 -22.80 0.83
N PRO A 248 -14.08 -23.37 2.04
CA PRO A 248 -14.80 -22.77 3.19
C PRO A 248 -14.46 -21.31 3.42
N ILE A 249 -13.18 -20.96 3.36
CA ILE A 249 -12.77 -19.57 3.56
C ILE A 249 -13.27 -18.68 2.42
N VAL A 250 -13.07 -19.11 1.17
CA VAL A 250 -13.45 -18.30 0.04
C VAL A 250 -14.97 -18.08 -0.03
N ILE A 251 -15.76 -19.15 0.16
CA ILE A 251 -17.22 -19.02 0.08
C ILE A 251 -17.75 -18.07 1.15
N SER A 252 -17.27 -18.25 2.38
CA SER A 252 -17.70 -17.39 3.48
C SER A 252 -17.30 -15.93 3.23
N ALA A 253 -16.06 -15.68 2.79
CA ALA A 253 -15.67 -14.31 2.47
C ALA A 253 -16.55 -13.72 1.37
N LYS A 254 -16.85 -14.48 0.32
CA LYS A 254 -17.70 -13.96 -0.76
C LYS A 254 -19.09 -13.64 -0.23
N THR A 255 -19.65 -14.56 0.54
CA THR A 255 -21.00 -14.35 1.07
C THR A 255 -21.07 -13.11 1.96
N MET A 256 -20.08 -12.94 2.85
CA MET A 256 -20.00 -11.72 3.65
C MET A 256 -19.95 -10.47 2.76
N LEU A 257 -19.16 -10.51 1.67
CA LEU A 257 -19.06 -9.36 0.77
C LEU A 257 -20.37 -9.10 0.06
N GLU A 258 -21.01 -10.15 -0.46
CA GLU A 258 -22.29 -10.01 -1.15
C GLU A 258 -23.32 -9.36 -0.23
N SER A 259 -23.42 -9.85 1.01
CA SER A 259 -24.43 -9.39 1.94
C SER A 259 -24.14 -7.98 2.43
N ALA A 260 -22.87 -7.68 2.71
CA ALA A 260 -22.47 -6.33 3.09
C ALA A 260 -22.77 -5.32 1.98
N GLY A 261 -22.53 -5.71 0.73
CA GLY A 261 -22.90 -4.84 -0.39
C GLY A 261 -24.39 -4.57 -0.42
N GLY A 262 -25.20 -5.61 -0.22
CA GLY A 262 -26.64 -5.41 -0.19
C GLY A 262 -27.07 -4.60 1.02
N LEU A 263 -26.40 -4.79 2.16
CA LEU A 263 -26.69 -3.99 3.33
C LEU A 263 -26.43 -2.49 3.04
N ILE A 264 -25.24 -2.17 2.53
CA ILE A 264 -24.91 -0.75 2.29
C ILE A 264 -25.84 -0.14 1.25
N GLN A 265 -26.13 -0.89 0.18
CA GLN A 265 -27.03 -0.39 -0.86
C GLN A 265 -28.42 -0.05 -0.28
N THR A 266 -28.87 -0.82 0.71
CA THR A 266 -30.18 -0.57 1.31
C THR A 266 -30.13 0.58 2.29
N ALA A 267 -29.06 0.65 3.08
CA ALA A 267 -28.88 1.75 4.01
C ALA A 267 -28.77 3.08 3.30
N ARG A 268 -28.18 3.08 2.10
CA ARG A 268 -28.09 4.32 1.33
C ARG A 268 -29.48 4.93 1.13
N ALA A 269 -30.46 4.10 0.79
CA ALA A 269 -31.81 4.62 0.59
C ALA A 269 -32.49 4.97 1.90
N LEU A 270 -32.24 4.17 2.95
CA LEU A 270 -32.86 4.47 4.23
C LEU A 270 -32.32 5.76 4.83
N ALA A 271 -31.07 6.14 4.52
CA ALA A 271 -30.58 7.45 4.97
C ALA A 271 -31.38 8.59 4.36
N VAL A 272 -31.89 8.41 3.13
CA VAL A 272 -32.70 9.45 2.50
C VAL A 272 -34.11 9.44 3.05
N ASN A 273 -34.81 8.31 2.93
CA ASN A 273 -36.15 8.18 3.48
C ASN A 273 -36.21 6.95 4.39
N PRO A 274 -36.13 7.12 5.70
CA PRO A 274 -36.13 5.96 6.60
C PRO A 274 -37.51 5.42 6.93
N ARG A 275 -38.57 5.95 6.33
CA ARG A 275 -39.90 5.40 6.58
C ARG A 275 -40.17 4.36 5.50
N ASP A 276 -39.56 3.19 5.68
CA ASP A 276 -39.55 2.15 4.65
C ASP A 276 -39.41 0.78 5.31
N PRO A 277 -40.50 0.25 5.84
CA PRO A 277 -40.43 -1.05 6.57
C PRO A 277 -39.90 -2.19 5.70
N PRO A 278 -40.33 -2.34 4.43
CA PRO A 278 -39.70 -3.38 3.59
C PRO A 278 -38.17 -3.31 3.56
N ARG A 279 -37.58 -2.12 3.40
CA ARG A 279 -36.13 -2.03 3.35
C ARG A 279 -35.48 -2.25 4.71
N TRP A 280 -36.13 -1.90 5.83
CA TRP A 280 -35.55 -2.23 7.12
C TRP A 280 -35.46 -3.74 7.29
N SER A 281 -36.44 -4.49 6.77
CA SER A 281 -36.38 -5.93 6.94
C SER A 281 -35.37 -6.57 5.98
N VAL A 282 -35.18 -5.98 4.80
CA VAL A 282 -34.11 -6.43 3.91
C VAL A 282 -32.77 -6.19 4.56
N LEU A 283 -32.59 -5.01 5.15
CA LEU A 283 -31.30 -4.66 5.75
C LEU A 283 -30.96 -5.60 6.90
N ALA A 284 -31.95 -5.95 7.72
CA ALA A 284 -31.69 -6.87 8.82
C ALA A 284 -31.41 -8.28 8.32
N GLY A 285 -31.99 -8.66 7.17
CA GLY A 285 -31.64 -9.93 6.56
C GLY A 285 -30.20 -9.97 6.11
N HIS A 286 -29.76 -8.94 5.38
CA HIS A 286 -28.37 -8.85 4.98
C HIS A 286 -27.44 -8.86 6.19
N SER A 287 -27.76 -8.09 7.22
CA SER A 287 -26.89 -8.00 8.38
C SER A 287 -26.76 -9.35 9.08
N ARG A 288 -27.87 -10.08 9.17
CA ARG A 288 -27.84 -11.45 9.69
C ARG A 288 -26.85 -12.32 8.92
N THR A 289 -26.89 -12.24 7.57
CA THR A 289 -25.98 -13.07 6.77
C THR A 289 -24.53 -12.60 6.90
N VAL A 290 -24.32 -11.29 7.02
CA VAL A 290 -22.95 -10.81 7.28
C VAL A 290 -22.38 -11.48 8.52
N SER A 291 -23.15 -11.48 9.63
CA SER A 291 -22.68 -12.05 10.89
C SER A 291 -22.48 -13.57 10.75
N ASP A 292 -23.46 -14.26 10.19
CA ASP A 292 -23.36 -15.71 10.07
C ASP A 292 -22.14 -16.12 9.24
N SER A 293 -21.85 -15.38 8.17
CA SER A 293 -20.71 -15.72 7.32
C SER A 293 -19.39 -15.51 8.04
N ILE A 294 -19.27 -14.42 8.80
CA ILE A 294 -18.07 -14.18 9.60
C ILE A 294 -17.88 -15.29 10.64
N LYS A 295 -18.96 -15.68 11.31
CA LYS A 295 -18.86 -16.82 12.21
C LYS A 295 -18.36 -18.07 11.49
N LYS A 296 -18.87 -18.36 10.28
CA LYS A 296 -18.45 -19.58 9.60
C LYS A 296 -17.00 -19.50 9.14
N LEU A 297 -16.56 -18.32 8.68
CA LEU A 297 -15.16 -18.17 8.26
C LEU A 297 -14.21 -18.33 9.45
N ILE A 298 -14.49 -17.63 10.55
CA ILE A 298 -13.62 -17.73 11.72
C ILE A 298 -13.55 -19.16 12.20
N THR A 299 -14.71 -19.83 12.29
CA THR A 299 -14.75 -21.20 12.80
C THR A 299 -13.87 -22.13 11.97
N SER A 300 -13.98 -22.04 10.65
CA SER A 300 -13.14 -22.86 9.78
C SER A 300 -11.66 -22.52 9.97
N MET A 301 -11.32 -21.24 10.05
CA MET A 301 -9.91 -20.88 10.22
C MET A 301 -9.35 -21.40 11.54
N ARG A 302 -10.12 -21.30 12.62
CA ARG A 302 -9.63 -21.78 13.91
C ARG A 302 -9.36 -23.28 13.88
N ASP A 303 -10.08 -24.02 13.03
CA ASP A 303 -10.00 -25.48 13.05
C ASP A 303 -8.87 -26.02 12.18
N LYS A 304 -8.61 -25.40 11.03
CA LYS A 304 -7.40 -25.71 10.25
C LYS A 304 -6.12 -25.32 10.98
N ALA A 305 -6.22 -24.58 12.09
CA ALA A 305 -5.05 -23.90 12.65
C ALA A 305 -3.92 -24.84 13.08
N PRO A 306 -4.15 -26.03 13.64
CA PRO A 306 -3.00 -26.88 14.02
C PRO A 306 -2.09 -27.24 12.85
N GLY A 307 -2.67 -27.43 11.66
CA GLY A 307 -1.87 -27.75 10.49
C GLY A 307 -0.92 -26.66 10.04
N GLN A 308 -1.11 -25.43 10.50
CA GLN A 308 -0.24 -24.32 10.13
C GLN A 308 0.71 -23.90 11.26
N LEU A 309 0.77 -24.64 12.36
CA LEU A 309 1.70 -24.32 13.45
C LEU A 309 3.13 -24.61 13.03
N PRO B 1 13.77 27.53 -2.05
CA PRO B 1 14.60 27.57 -0.84
C PRO B 1 16.01 28.17 -1.08
N GLU B 2 16.82 28.14 -0.01
CA GLU B 2 18.18 28.64 -0.05
C GLU B 2 19.16 27.48 0.15
N LEU B 3 20.39 27.67 -0.35
CA LEU B 3 21.36 26.58 -0.39
C LEU B 3 21.66 26.03 1.00
N ASP B 4 21.79 26.92 2.00
CA ASP B 4 22.05 26.46 3.36
C ASP B 4 20.95 25.54 3.87
N ASP B 5 19.68 25.90 3.63
CA ASP B 5 18.58 25.07 4.11
C ASP B 5 18.53 23.72 3.38
N ILE B 6 18.82 23.71 2.08
CA ILE B 6 18.84 22.45 1.33
C ILE B 6 19.91 21.52 1.88
N LEU B 7 21.06 22.07 2.26
CA LEU B 7 22.13 21.25 2.83
C LEU B 7 21.71 20.66 4.17
N TYR B 8 21.14 21.48 5.06
CA TYR B 8 20.63 20.94 6.32
C TYR B 8 19.64 19.80 6.07
N HIS B 9 18.75 19.97 5.10
CA HIS B 9 17.68 18.99 4.87
C HIS B 9 18.24 17.64 4.42
N VAL B 10 19.11 17.66 3.41
CA VAL B 10 19.62 16.37 2.93
C VAL B 10 20.55 15.74 3.97
N LYS B 11 21.24 16.55 4.79
CA LYS B 11 22.03 15.93 5.86
C LYS B 11 21.15 15.30 6.93
N GLY B 12 20.00 15.92 7.25
CA GLY B 12 19.10 15.33 8.23
C GLY B 12 18.41 14.11 7.69
N MET B 13 18.09 14.11 6.39
CA MET B 13 17.51 12.96 5.74
C MET B 13 18.48 11.78 5.76
N GLN B 14 19.76 12.05 5.50
CA GLN B 14 20.81 11.04 5.55
C GLN B 14 20.92 10.40 6.93
N ARG B 15 20.83 11.20 7.99
CA ARG B 15 20.89 10.63 9.33
C ARG B 15 19.71 9.72 9.59
N ILE B 16 18.52 10.10 9.10
CA ILE B 16 17.34 9.30 9.35
C ILE B 16 17.37 8.02 8.50
N VAL B 17 17.68 8.16 7.21
CA VAL B 17 17.65 7.02 6.31
C VAL B 17 18.71 5.98 6.67
N ASN B 18 19.85 6.41 7.22
CA ASN B 18 20.89 5.43 7.51
C ASN B 18 20.55 4.53 8.70
N GLN B 19 19.50 4.83 9.43
CA GLN B 19 19.06 4.00 10.54
C GLN B 19 17.97 3.02 10.15
N TRP B 20 17.49 3.08 8.91
CA TRP B 20 16.32 2.29 8.53
C TRP B 20 16.66 0.81 8.55
N SER B 21 15.76 0.02 9.09
CA SER B 21 15.95 -1.42 9.06
C SER B 21 15.82 -1.95 7.64
N GLU B 22 16.68 -2.90 7.29
CA GLU B 22 16.59 -3.61 6.02
C GLU B 22 15.84 -4.93 6.15
N LYS B 23 15.21 -5.20 7.29
CA LYS B 23 14.67 -6.52 7.58
C LYS B 23 13.17 -6.53 7.88
C1 MLI C . 22.65 -7.74 9.50
C2 MLI C . 22.45 -6.98 10.79
C3 MLI C . 21.47 -8.64 9.23
O6 MLI C . 23.36 -7.00 11.65
O7 MLI C . 21.37 -6.34 10.99
O8 MLI C . 20.73 -8.43 8.24
O9 MLI C . 21.26 -9.62 9.99
C1 MLI D . 16.46 -11.58 12.93
C2 MLI D . 16.27 -10.08 12.89
C3 MLI D . 17.28 -12.02 11.72
O6 MLI D . 16.72 -9.30 13.79
O7 MLI D . 15.60 -9.62 11.92
O8 MLI D . 16.80 -12.73 10.82
O9 MLI D . 18.47 -11.64 11.64
#